data_6P5W
#
_entry.id   6P5W
#
_cell.length_a   34.710
_cell.length_b   95.567
_cell.length_c   58.989
_cell.angle_alpha   90.000
_cell.angle_beta   106.030
_cell.angle_gamma   90.000
#
_symmetry.space_group_name_H-M   'P 1 21 1'
#
loop_
_entity.id
_entity.type
_entity.pdbx_description
1 polymer 'Lysozyme,DCN1-like protein 1 chimera'
2 non-polymer 3-methyl-N-[(4S,5S)-3-methyl-4-(4-methylphenyl)-6-oxo-1-phenyl-4,5,6,7-tetrahydro-1H-pyrazolo[3,4-b]pyridin-5-yl]benzamide
3 water water
#
_entity_poly.entity_id   1
_entity_poly.type   'polypeptide(L)'
_entity_poly.pdbx_seq_one_letter_code
;MGSSHHHHHHSQDLENLYFQGSMNIFEMLRIDEGLRLKIYKDTEGYYTIGIGHLLTKSPSLNAAKSELDKAIGRNTNGVI
TKDEAEKLFNQDVDAAVRGILRNAKLKPVYDSLDAVRRAALINMVFQMGETGVAGFTNSLRMLQQKRWDEAAVNLAKSRW
YNQTPNRTKRVITTFRTGTWDAYKNLRKKLEQLYNRYKDPQDENKIGIDGIQQFCDDLALDPASISVLIIAWKFRAATQC
EFSKQEFMDGMTELGCDSIEKLKAQIPKMEQELKEPGRFKDFYQFTFNFAKNPGQKGLDLEMAIAYWNLVLNGRFKFLDL
WNKFLLEHHKRSIPKDTWNLLLDFSTMIADDMSNYDEEGAWPVLIDDFVEFARPQIAGTKSTTV
;
_entity_poly.pdbx_strand_id   A
#
loop_
_chem_comp.id
_chem_comp.type
_chem_comp.name
_chem_comp.formula
O0A non-polymer 3-methyl-N-[(4S,5S)-3-methyl-4-(4-methylphenyl)-6-oxo-1-phenyl-4,5,6,7-tetrahydro-1H-pyrazolo[3,4-b]pyridin-5-yl]benzamide 'C28 H26 N4 O2'
#
# COMPACT_ATOMS: atom_id res chain seq x y z
N HIS A 10 -20.62 18.94 17.51
CA HIS A 10 -20.07 17.64 17.98
C HIS A 10 -18.64 17.86 18.41
N SER A 11 -18.26 17.17 19.49
CA SER A 11 -16.92 17.33 20.02
C SER A 11 -15.84 17.05 18.96
N GLN A 12 -16.08 16.08 18.07
CA GLN A 12 -15.04 15.65 17.13
C GLN A 12 -15.00 16.50 15.87
N ASP A 13 -15.91 17.47 15.73
CA ASP A 13 -15.98 18.20 14.47
C ASP A 13 -14.63 18.85 14.18
N LEU A 14 -14.20 18.71 12.93
CA LEU A 14 -12.90 19.27 12.61
C LEU A 14 -12.96 20.78 12.66
N GLU A 15 -14.15 21.36 12.57
CA GLU A 15 -14.26 22.81 12.71
C GLU A 15 -13.71 23.28 14.04
N ASN A 16 -13.74 22.42 15.06
CA ASN A 16 -13.14 22.79 16.33
C ASN A 16 -11.63 22.91 16.28
N LEU A 17 -11.01 22.51 15.18
CA LEU A 17 -9.57 22.60 15.01
C LEU A 17 -9.19 23.67 14.04
N TYR A 18 -10.16 24.44 13.56
CA TYR A 18 -9.83 25.36 12.50
C TYR A 18 -8.90 26.44 12.99
N PHE A 19 -8.82 26.66 14.29
CA PHE A 19 -7.87 27.61 14.83
C PHE A 19 -6.45 27.10 14.74
N GLN A 20 -6.26 25.81 14.52
CA GLN A 20 -4.93 25.26 14.40
C GLN A 20 -4.35 25.63 13.05
N GLY A 21 -3.08 25.29 12.85
CA GLY A 21 -2.54 25.30 11.52
C GLY A 21 -3.15 24.21 10.65
N SER A 22 -3.04 24.42 9.34
CA SER A 22 -3.53 23.39 8.43
C SER A 22 -2.62 22.18 8.48
N MET A 23 -1.35 22.40 8.82
CA MET A 23 -0.47 21.27 9.02
C MET A 23 -0.67 20.81 10.44
N ASN A 24 -0.82 19.52 10.61
CA ASN A 24 -1.11 18.97 11.92
C ASN A 24 -0.65 17.53 11.94
N ILE A 25 -0.88 16.91 13.08
CA ILE A 25 -0.38 15.57 13.29
C ILE A 25 -1.02 14.61 12.33
N PHE A 26 -2.27 14.84 11.97
CA PHE A 26 -2.93 13.97 11.01
C PHE A 26 -2.27 14.09 9.65
N GLU A 27 -2.07 15.32 9.17
CA GLU A 27 -1.40 15.46 7.89
C GLU A 27 0.02 14.92 7.94
N MET A 28 0.65 15.01 9.10
CA MET A 28 1.98 14.47 9.28
C MET A 28 1.97 12.96 9.12
N LEU A 29 1.07 12.27 9.81
CA LEU A 29 1.00 10.83 9.68
C LEU A 29 0.42 10.40 8.34
N ARG A 30 -0.40 11.25 7.69
CA ARG A 30 -0.78 10.95 6.34
C ARG A 30 0.45 10.83 5.45
N ILE A 31 1.42 11.69 5.67
CA ILE A 31 2.66 11.63 4.90
C ILE A 31 3.53 10.47 5.34
N ASP A 32 3.59 10.23 6.64
CA ASP A 32 4.59 9.31 7.14
C ASP A 32 4.13 7.88 7.12
N GLU A 33 2.85 7.66 7.28
CA GLU A 33 2.30 6.32 7.37
C GLU A 33 1.29 6.06 6.28
N GLY A 34 0.54 7.07 5.91
CA GLY A 34 -0.39 6.97 4.83
C GLY A 34 -1.80 6.75 5.32
N LEU A 35 -2.73 7.04 4.43
CA LEU A 35 -4.13 7.05 4.77
C LEU A 35 -4.87 6.10 3.87
N ARG A 36 -5.70 5.25 4.47
CA ARG A 36 -6.50 4.31 3.76
C ARG A 36 -7.94 4.61 4.09
N LEU A 37 -8.76 4.80 3.06
CA LEU A 37 -10.12 5.17 3.32
C LEU A 37 -11.07 3.99 3.24
N LYS A 38 -10.55 2.82 2.93
CA LYS A 38 -11.33 1.59 2.88
C LYS A 38 -10.71 0.62 3.85
N ILE A 39 -11.56 -0.19 4.48
CA ILE A 39 -11.04 -1.18 5.41
C ILE A 39 -10.03 -2.07 4.70
N TYR A 40 -8.94 -2.35 5.36
CA TYR A 40 -7.97 -3.27 4.81
C TYR A 40 -7.36 -4.06 5.94
N LYS A 41 -6.64 -5.11 5.57
CA LYS A 41 -5.91 -5.91 6.54
C LYS A 41 -4.49 -5.39 6.68
N ASP A 42 -4.10 -5.11 7.91
CA ASP A 42 -2.74 -4.65 8.21
C ASP A 42 -1.78 -5.83 8.08
N THR A 43 -0.55 -5.63 8.59
CA THR A 43 0.50 -6.65 8.52
C THR A 43 0.10 -7.91 9.26
N GLU A 44 -0.52 -7.78 10.43
CA GLU A 44 -0.94 -8.95 11.19
C GLU A 44 -2.24 -9.56 10.68
N GLY A 45 -2.79 -9.05 9.58
CA GLY A 45 -4.02 -9.55 9.03
C GLY A 45 -5.28 -8.96 9.62
N TYR A 46 -5.16 -7.89 10.39
CA TYR A 46 -6.28 -7.33 11.14
C TYR A 46 -6.91 -6.17 10.39
N TYR A 47 -8.24 -6.09 10.46
CA TYR A 47 -8.98 -5.02 9.81
C TYR A 47 -8.61 -3.66 10.39
N THR A 48 -8.28 -2.75 9.50
CA THR A 48 -7.75 -1.45 9.84
C THR A 48 -8.35 -0.44 8.88
N ILE A 49 -8.34 0.82 9.27
CA ILE A 49 -8.73 1.85 8.32
C ILE A 49 -8.12 3.16 8.74
N GLY A 50 -8.17 4.14 7.85
CA GLY A 50 -7.70 5.45 8.24
C GLY A 50 -6.20 5.44 8.29
N ILE A 51 -5.65 6.08 9.31
CA ILE A 51 -4.23 6.02 9.57
C ILE A 51 -4.07 4.99 10.68
N GLY A 52 -3.94 3.74 10.30
CA GLY A 52 -3.53 2.73 11.24
C GLY A 52 -4.54 2.44 12.31
N HIS A 53 -5.81 2.71 12.06
CA HIS A 53 -6.79 2.56 13.10
C HIS A 53 -7.28 1.12 13.09
N LEU A 54 -6.81 0.35 14.05
CA LEU A 54 -7.24 -1.03 14.18
C LEU A 54 -8.70 -1.08 14.55
N LEU A 55 -9.50 -1.83 13.78
CA LEU A 55 -10.92 -1.89 14.04
C LEU A 55 -11.27 -3.06 14.92
N THR A 56 -10.57 -4.16 14.72
CA THR A 56 -10.93 -5.38 15.41
C THR A 56 -9.86 -6.40 15.04
N LYS A 57 -9.69 -7.38 15.92
CA LYS A 57 -8.88 -8.53 15.59
C LYS A 57 -9.73 -9.66 15.04
N SER A 58 -11.03 -9.41 14.90
CA SER A 58 -11.95 -10.40 14.36
C SER A 58 -11.61 -10.72 12.91
N PRO A 59 -11.63 -12.00 12.52
CA PRO A 59 -11.54 -12.32 11.10
C PRO A 59 -12.75 -11.87 10.30
N SER A 60 -13.81 -11.43 10.96
CA SER A 60 -15.05 -11.09 10.25
C SER A 60 -15.00 -9.65 9.77
N LEU A 61 -15.12 -9.46 8.46
CA LEU A 61 -15.18 -8.11 7.93
C LEU A 61 -16.44 -7.42 8.41
N ASN A 62 -17.54 -8.14 8.58
CA ASN A 62 -18.72 -7.50 9.13
C ASN A 62 -18.51 -7.05 10.57
N ALA A 63 -17.69 -7.77 11.33
CA ALA A 63 -17.34 -7.33 12.67
C ALA A 63 -16.53 -6.03 12.60
N ALA A 64 -15.62 -5.96 11.63
CA ALA A 64 -14.85 -4.73 11.44
C ALA A 64 -15.75 -3.58 11.04
N LYS A 65 -16.70 -3.84 10.14
CA LYS A 65 -17.62 -2.78 9.75
C LYS A 65 -18.46 -2.34 10.93
N SER A 66 -18.83 -3.28 11.81
CA SER A 66 -19.61 -2.91 12.97
C SER A 66 -18.80 -2.01 13.90
N GLU A 67 -17.52 -2.33 14.08
CA GLU A 67 -16.71 -1.47 14.93
C GLU A 67 -16.54 -0.10 14.29
N LEU A 68 -16.40 -0.07 12.96
CA LEU A 68 -16.24 1.19 12.24
C LEU A 68 -17.49 2.05 12.38
N ASP A 69 -18.67 1.45 12.26
CA ASP A 69 -19.92 2.22 12.38
C ASP A 69 -20.10 2.78 13.78
N LYS A 70 -19.75 2.02 14.82
CA LYS A 70 -19.78 2.60 16.15
C LYS A 70 -18.79 3.76 16.26
N ALA A 71 -17.60 3.61 15.67
CA ALA A 71 -16.58 4.63 15.82
C ALA A 71 -16.92 5.87 15.00
N ILE A 72 -17.48 5.69 13.81
CA ILE A 72 -17.75 6.82 12.93
C ILE A 72 -19.10 7.44 13.25
N GLY A 73 -20.05 6.63 13.71
CA GLY A 73 -21.39 7.12 13.95
C GLY A 73 -22.26 7.14 12.73
N ARG A 74 -21.98 6.32 11.73
CA ARG A 74 -22.87 6.13 10.59
C ARG A 74 -22.60 4.76 9.99
N ASN A 75 -23.49 4.34 9.10
CA ASN A 75 -23.31 3.06 8.41
C ASN A 75 -22.39 3.29 7.23
N THR A 76 -21.12 2.97 7.42
CA THR A 76 -20.09 3.31 6.46
C THR A 76 -19.92 2.25 5.38
N ASN A 77 -20.22 0.99 5.70
CA ASN A 77 -19.91 -0.14 4.81
C ASN A 77 -18.44 -0.15 4.43
N GLY A 78 -17.59 0.15 5.40
CA GLY A 78 -16.16 -0.03 5.26
C GLY A 78 -15.42 1.05 4.51
N VAL A 79 -16.07 2.17 4.20
CA VAL A 79 -15.45 3.25 3.45
C VAL A 79 -15.70 4.55 4.19
N ILE A 80 -14.64 5.33 4.39
CA ILE A 80 -14.80 6.56 5.14
C ILE A 80 -14.19 7.70 4.33
N THR A 81 -14.51 8.90 4.74
CA THR A 81 -13.92 10.07 4.14
C THR A 81 -12.63 10.43 4.86
N LYS A 82 -11.84 11.26 4.19
CA LYS A 82 -10.62 11.74 4.85
C LYS A 82 -10.95 12.45 6.15
N ASP A 83 -12.00 13.28 6.15
CA ASP A 83 -12.37 13.94 7.39
C ASP A 83 -12.74 12.93 8.46
N GLU A 84 -13.49 11.89 8.11
CA GLU A 84 -13.82 10.90 9.14
C GLU A 84 -12.58 10.21 9.64
N ALA A 85 -11.63 9.95 8.75
CA ALA A 85 -10.39 9.34 9.15
C ALA A 85 -9.62 10.26 10.08
N GLU A 86 -9.73 11.56 9.87
CA GLU A 86 -9.06 12.49 10.77
C GLU A 86 -9.71 12.48 12.13
N LYS A 87 -11.03 12.37 12.17
CA LYS A 87 -11.68 12.30 13.46
C LYS A 87 -11.28 11.03 14.20
N LEU A 88 -11.19 9.91 13.48
CA LEU A 88 -10.74 8.67 14.11
C LEU A 88 -9.32 8.83 14.60
N PHE A 89 -8.49 9.41 13.74
CA PHE A 89 -7.11 9.60 14.12
C PHE A 89 -6.98 10.52 15.32
N ASN A 90 -7.72 11.61 15.33
CA ASN A 90 -7.60 12.54 16.44
C ASN A 90 -7.99 11.89 17.74
N GLN A 91 -8.95 10.96 17.73
CA GLN A 91 -9.25 10.24 18.97
C GLN A 91 -8.04 9.43 19.37
N ASP A 92 -7.38 8.80 18.38
CA ASP A 92 -6.23 7.99 18.70
C ASP A 92 -5.10 8.85 19.19
N VAL A 93 -4.96 10.05 18.62
CA VAL A 93 -3.95 10.98 19.12
C VAL A 93 -4.24 11.35 20.56
N ASP A 94 -5.49 11.69 20.85
CA ASP A 94 -5.82 12.05 22.24
C ASP A 94 -5.42 10.94 23.19
N ALA A 95 -5.69 9.70 22.81
CA ALA A 95 -5.33 8.57 23.66
C ALA A 95 -3.82 8.44 23.78
N ALA A 96 -3.11 8.66 22.69
CA ALA A 96 -1.65 8.56 22.76
C ALA A 96 -1.10 9.65 23.66
N VAL A 97 -1.67 10.84 23.57
CA VAL A 97 -1.23 11.94 24.42
C VAL A 97 -1.52 11.62 25.87
N ARG A 98 -2.70 11.06 26.15
CA ARG A 98 -2.97 10.69 27.53
C ARG A 98 -1.91 9.73 28.04
N GLY A 99 -1.54 8.75 27.22
CA GLY A 99 -0.51 7.80 27.59
C GLY A 99 0.81 8.48 27.84
N ILE A 100 1.19 9.37 26.93
CA ILE A 100 2.44 10.12 27.11
C ILE A 100 2.42 10.83 28.43
N LEU A 101 1.30 11.44 28.76
CA LEU A 101 1.26 12.27 29.94
C LEU A 101 1.26 11.47 31.24
N ARG A 102 0.95 10.19 31.20
CA ARG A 102 1.11 9.40 32.42
C ARG A 102 2.36 8.55 32.36
N ASN A 103 3.24 8.83 31.41
CA ASN A 103 4.52 8.15 31.30
C ASN A 103 5.62 9.05 31.87
N ALA A 104 6.22 8.60 32.97
CA ALA A 104 7.20 9.42 33.67
C ALA A 104 8.37 9.80 32.78
N LYS A 105 8.67 8.94 31.80
CA LYS A 105 9.80 9.14 30.92
C LYS A 105 9.48 10.08 29.78
N LEU A 106 8.23 10.21 29.41
CA LEU A 106 7.84 11.01 28.25
C LEU A 106 7.19 12.31 28.63
N LYS A 107 6.49 12.33 29.75
CA LYS A 107 5.75 13.53 30.09
C LYS A 107 6.65 14.74 30.21
N PRO A 108 7.82 14.65 30.85
CA PRO A 108 8.66 15.85 30.97
C PRO A 108 8.99 16.46 29.62
N VAL A 109 9.44 15.62 28.70
CA VAL A 109 9.83 16.14 27.40
C VAL A 109 8.61 16.65 26.66
N TYR A 110 7.51 15.89 26.69
CA TYR A 110 6.32 16.32 25.99
C TYR A 110 5.85 17.69 26.48
N ASP A 111 5.75 17.86 27.80
CA ASP A 111 5.32 19.12 28.36
C ASP A 111 6.22 20.25 27.89
N SER A 112 7.52 19.96 27.73
CA SER A 112 8.49 20.98 27.42
C SER A 112 8.41 21.42 26.00
N LEU A 113 7.84 20.60 25.12
CA LEU A 113 7.94 20.85 23.70
C LEU A 113 6.85 21.80 23.21
N ASP A 114 7.20 22.55 22.20
CA ASP A 114 6.25 23.31 21.45
C ASP A 114 5.33 22.37 20.69
N ALA A 115 4.28 22.95 20.10
CA ALA A 115 3.23 22.12 19.50
C ALA A 115 3.74 21.32 18.34
N VAL A 116 4.60 21.90 17.53
CA VAL A 116 5.11 21.16 16.38
C VAL A 116 6.00 20.02 16.83
N ARG A 117 6.89 20.29 17.78
CA ARG A 117 7.75 19.22 18.23
C ARG A 117 6.95 18.18 19.00
N ARG A 118 5.86 18.57 19.65
CA ARG A 118 5.01 17.58 20.28
C ARG A 118 4.47 16.63 19.23
N ALA A 119 4.10 17.17 18.07
CA ALA A 119 3.60 16.31 17.00
C ALA A 119 4.65 15.31 16.59
N ALA A 120 5.90 15.74 16.54
CA ALA A 120 6.98 14.84 16.19
C ALA A 120 7.12 13.74 17.22
N LEU A 121 6.99 14.07 18.49
CA LEU A 121 7.07 13.04 19.50
C LEU A 121 5.88 12.10 19.38
N ILE A 122 4.71 12.63 19.12
CA ILE A 122 3.53 11.76 18.99
C ILE A 122 3.70 10.83 17.79
N ASN A 123 4.24 11.37 16.71
CA ASN A 123 4.59 10.56 15.56
C ASN A 123 5.45 9.37 15.97
N MET A 124 6.48 9.65 16.76
CA MET A 124 7.35 8.59 17.23
C MET A 124 6.57 7.58 18.03
N VAL A 125 5.69 8.04 18.88
CA VAL A 125 4.90 7.10 19.68
C VAL A 125 3.99 6.26 18.81
N PHE A 126 3.38 6.86 17.76
CA PHE A 126 2.60 6.06 16.83
C PHE A 126 3.46 4.98 16.18
N GLN A 127 4.70 5.31 15.85
CA GLN A 127 5.53 4.36 15.13
C GLN A 127 6.05 3.25 16.03
N MET A 128 6.48 3.58 17.23
CA MET A 128 7.24 2.62 18.01
C MET A 128 6.66 2.40 19.41
N GLY A 129 5.61 3.10 19.78
CA GLY A 129 4.99 2.93 21.08
C GLY A 129 5.73 3.70 22.15
N GLU A 130 5.07 3.81 23.32
CA GLU A 130 5.68 4.57 24.42
C GLU A 130 6.97 3.95 24.88
N THR A 131 7.01 2.64 25.03
CA THR A 131 8.21 2.04 25.56
C THR A 131 9.36 2.24 24.58
N GLY A 132 9.07 2.18 23.27
CA GLY A 132 10.09 2.44 22.30
C GLY A 132 10.61 3.87 22.38
N VAL A 133 9.71 4.84 22.44
CA VAL A 133 10.16 6.22 22.47
C VAL A 133 10.89 6.51 23.77
N ALA A 134 10.41 5.94 24.86
CA ALA A 134 11.03 6.16 26.17
C ALA A 134 12.44 5.62 26.21
N GLY A 135 12.78 4.67 25.34
CA GLY A 135 14.12 4.16 25.27
C GLY A 135 15.13 5.20 24.85
N PHE A 136 14.69 6.29 24.22
CA PHE A 136 15.57 7.33 23.69
C PHE A 136 15.97 8.32 24.79
N THR A 137 16.39 7.80 25.92
CA THR A 137 16.62 8.65 27.09
C THR A 137 17.48 9.87 26.77
N ASN A 138 18.62 9.65 26.14
CA ASN A 138 19.54 10.79 25.94
C ASN A 138 18.97 11.77 24.94
N SER A 139 18.40 11.30 23.84
CA SER A 139 17.81 12.22 22.89
C SER A 139 16.64 12.96 23.50
N LEU A 140 15.82 12.28 24.30
CA LEU A 140 14.70 12.98 24.90
C LEU A 140 15.20 14.06 25.87
N ARG A 141 16.25 13.77 26.61
CA ARG A 141 16.84 14.80 27.46
C ARG A 141 17.33 15.97 26.61
N MET A 142 18.01 15.68 25.51
CA MET A 142 18.44 16.78 24.65
C MET A 142 17.25 17.60 24.19
N LEU A 143 16.16 16.95 23.82
CA LEU A 143 14.99 17.70 23.39
C LEU A 143 14.47 18.53 24.52
N GLN A 144 14.40 17.94 25.69
CA GLN A 144 13.85 18.66 26.82
C GLN A 144 14.71 19.88 27.13
N GLN A 145 16.01 19.80 26.86
CA GLN A 145 16.93 20.91 27.05
C GLN A 145 17.02 21.83 25.85
N LYS A 146 16.24 21.56 24.81
CA LYS A 146 16.17 22.37 23.61
C LYS A 146 17.50 22.33 22.85
N ARG A 147 18.23 21.24 23.02
CA ARG A 147 19.47 21.02 22.28
C ARG A 147 19.10 20.31 20.99
N TRP A 148 18.50 21.09 20.10
CA TRP A 148 17.81 20.50 18.96
C TRP A 148 18.77 19.84 18.00
N ASP A 149 19.86 20.52 17.67
CA ASP A 149 20.76 19.95 16.69
C ASP A 149 21.38 18.68 17.24
N GLU A 150 21.67 18.67 18.55
CA GLU A 150 22.29 17.50 19.13
C GLU A 150 21.33 16.34 19.22
N ALA A 151 20.09 16.65 19.58
CA ALA A 151 19.05 15.63 19.51
C ALA A 151 18.94 15.08 18.11
N ALA A 152 18.96 15.95 17.09
CA ALA A 152 18.83 15.48 15.72
C ALA A 152 19.95 14.52 15.39
N VAL A 153 21.16 14.89 15.75
CA VAL A 153 22.30 14.04 15.46
C VAL A 153 22.15 12.72 16.20
N ASN A 154 21.71 12.76 17.44
CA ASN A 154 21.67 11.53 18.20
C ASN A 154 20.59 10.62 17.68
N LEU A 155 19.45 11.19 17.32
CA LEU A 155 18.37 10.34 16.83
C LEU A 155 18.77 9.68 15.52
N ALA A 156 19.58 10.34 14.72
CA ALA A 156 19.92 9.77 13.44
C ALA A 156 20.82 8.55 13.56
N LYS A 157 21.46 8.33 14.71
CA LYS A 157 22.31 7.17 14.95
C LYS A 157 21.52 5.95 15.35
N SER A 158 20.24 6.09 15.43
CA SER A 158 19.40 5.06 16.00
C SER A 158 18.90 4.09 14.95
N ARG A 159 18.49 2.94 15.45
CA ARG A 159 17.91 1.93 14.60
C ARG A 159 16.64 2.45 13.96
N TRP A 160 15.93 3.29 14.69
CA TRP A 160 14.76 3.96 14.15
C TRP A 160 15.07 4.57 12.79
N TYR A 161 16.17 5.30 12.71
CA TYR A 161 16.55 5.94 11.47
C TYR A 161 16.77 4.90 10.39
N ASN A 162 17.40 3.80 10.76
CA ASN A 162 17.72 2.78 9.79
C ASN A 162 16.45 2.08 9.33
N GLN A 163 15.44 1.97 10.22
CA GLN A 163 14.22 1.25 9.86
C GLN A 163 13.38 2.04 8.86
N THR A 164 13.27 3.32 9.08
CA THR A 164 12.38 4.17 8.28
C THR A 164 13.08 5.46 8.02
N PRO A 165 14.12 5.45 7.18
CA PRO A 165 14.97 6.63 7.10
C PRO A 165 14.24 7.86 6.64
N ASN A 166 13.30 7.74 5.70
CA ASN A 166 12.70 8.97 5.19
C ASN A 166 11.73 9.56 6.17
N ARG A 167 10.90 8.73 6.80
CA ARG A 167 10.05 9.24 7.86
C ARG A 167 10.89 9.78 9.00
N THR A 168 11.89 9.01 9.41
CA THR A 168 12.67 9.42 10.54
C THR A 168 13.38 10.74 10.27
N LYS A 169 13.93 10.89 9.07
CA LYS A 169 14.53 12.16 8.71
C LYS A 169 13.54 13.31 8.86
N ARG A 170 12.30 13.11 8.44
CA ARG A 170 11.36 14.19 8.54
C ARG A 170 11.04 14.48 10.00
N VAL A 171 10.87 13.44 10.80
CA VAL A 171 10.57 13.67 12.20
C VAL A 171 11.73 14.38 12.87
N ILE A 172 12.94 13.94 12.58
CA ILE A 172 14.12 14.58 13.14
C ILE A 172 14.19 16.04 12.73
N THR A 173 13.98 16.32 11.45
CA THR A 173 13.96 17.70 11.00
C THR A 173 12.96 18.51 11.79
N THR A 174 11.80 17.90 12.08
CA THR A 174 10.78 18.59 12.85
C THR A 174 11.29 18.89 14.24
N PHE A 175 11.96 17.94 14.88
CA PHE A 175 12.60 18.23 16.16
C PHE A 175 13.67 19.30 16.00
N ARG A 176 14.42 19.24 14.92
CA ARG A 176 15.55 20.16 14.77
C ARG A 176 15.07 21.58 14.62
N THR A 177 14.01 21.79 13.83
CA THR A 177 13.59 23.11 13.42
C THR A 177 12.36 23.62 14.15
N GLY A 178 11.53 22.73 14.68
CA GLY A 178 10.27 23.16 15.23
C GLY A 178 9.31 23.65 14.18
N THR A 179 9.56 23.31 12.93
CA THR A 179 8.72 23.75 11.84
C THR A 179 8.21 22.51 11.12
N TRP A 180 7.32 22.76 10.17
CA TRP A 180 6.81 21.69 9.35
C TRP A 180 7.58 21.55 8.05
N ASP A 181 8.74 22.20 7.95
CA ASP A 181 9.46 22.26 6.68
C ASP A 181 9.61 20.90 6.03
N ALA A 182 9.92 19.87 6.82
CA ALA A 182 10.20 18.59 6.21
C ALA A 182 8.98 18.04 5.50
N TYR A 183 7.81 18.35 6.05
CA TYR A 183 6.55 17.89 5.47
C TYR A 183 6.12 18.75 4.31
N LYS A 184 6.34 20.06 4.41
CA LYS A 184 6.12 20.94 3.28
C LYS A 184 7.01 20.53 2.13
N ASN A 185 8.27 20.19 2.44
CA ASN A 185 9.21 19.82 1.39
C ASN A 185 8.81 18.49 0.77
N LEU A 186 8.40 17.54 1.60
CA LEU A 186 7.96 16.26 1.07
C LEU A 186 6.76 16.46 0.15
N ARG A 187 5.76 17.22 0.61
CA ARG A 187 4.58 17.39 -0.19
C ARG A 187 4.98 18.02 -1.50
N LYS A 188 5.86 19.01 -1.46
CA LYS A 188 6.21 19.68 -2.70
C LYS A 188 6.96 18.74 -3.61
N LYS A 189 7.85 17.94 -3.07
CA LYS A 189 8.60 16.99 -3.89
C LYS A 189 7.65 16.05 -4.59
N LEU A 190 6.68 15.52 -3.87
CA LEU A 190 5.76 14.60 -4.50
C LEU A 190 4.88 15.31 -5.51
N GLU A 191 4.44 16.52 -5.19
CA GLU A 191 3.65 17.29 -6.15
C GLU A 191 4.45 17.54 -7.41
N GLN A 192 5.71 17.92 -7.27
CA GLN A 192 6.48 18.24 -8.43
C GLN A 192 6.83 16.98 -9.22
N LEU A 193 6.99 15.85 -8.54
CA LEU A 193 7.21 14.62 -9.27
C LEU A 193 5.93 14.18 -9.98
N TYR A 194 4.81 14.26 -9.28
CA TYR A 194 3.55 13.94 -9.92
C TYR A 194 3.31 14.84 -11.12
N ASN A 195 3.73 16.08 -11.03
CA ASN A 195 3.44 17.01 -12.10
C ASN A 195 4.23 16.66 -13.35
N ARG A 196 5.37 16.00 -13.15
CA ARG A 196 6.17 15.52 -14.28
C ARG A 196 5.43 14.48 -15.09
N TYR A 197 4.55 13.70 -14.45
CA TYR A 197 3.87 12.58 -15.10
C TYR A 197 2.41 12.87 -15.39
N LYS A 198 1.82 13.88 -14.79
CA LYS A 198 0.37 13.98 -14.84
C LYS A 198 -0.08 14.25 -16.25
N ASP A 199 -1.31 13.84 -16.51
CA ASP A 199 -1.93 14.04 -17.81
C ASP A 199 -2.18 15.53 -17.98
N PRO A 200 -1.64 16.17 -19.01
CA PRO A 200 -1.90 17.60 -19.18
C PRO A 200 -3.35 17.93 -19.27
N GLN A 201 -4.19 16.94 -19.63
CA GLN A 201 -5.62 17.14 -19.82
C GLN A 201 -6.46 16.58 -18.68
N ASP A 202 -5.83 16.01 -17.66
CA ASP A 202 -6.59 15.49 -16.51
C ASP A 202 -5.59 15.50 -15.34
N GLU A 203 -5.62 16.59 -14.59
CA GLU A 203 -4.71 16.74 -13.46
C GLU A 203 -4.85 15.60 -12.49
N ASN A 204 -5.96 14.88 -12.54
CA ASN A 204 -6.24 13.87 -11.54
C ASN A 204 -5.58 12.52 -11.88
N LYS A 205 -4.89 12.42 -13.01
CA LYS A 205 -4.26 11.16 -13.33
C LYS A 205 -2.99 11.38 -14.12
N ILE A 206 -2.14 10.37 -14.02
CA ILE A 206 -1.07 10.14 -14.95
C ILE A 206 -1.59 9.24 -16.05
N GLY A 207 -1.49 9.70 -17.30
CA GLY A 207 -1.96 8.94 -18.44
C GLY A 207 -0.85 8.12 -19.05
N ILE A 208 -1.12 7.61 -20.25
CA ILE A 208 -0.17 6.73 -20.92
C ILE A 208 1.18 7.41 -21.06
N ASP A 209 1.19 8.67 -21.49
CA ASP A 209 2.46 9.35 -21.69
C ASP A 209 3.22 9.53 -20.38
N GLY A 210 2.51 9.85 -19.30
CA GLY A 210 3.18 9.97 -18.03
C GLY A 210 3.67 8.63 -17.54
N ILE A 211 2.89 7.58 -17.76
CA ILE A 211 3.39 6.27 -17.37
C ILE A 211 4.65 5.94 -18.16
N GLN A 212 4.68 6.29 -19.44
CA GLN A 212 5.88 6.06 -20.25
C GLN A 212 7.07 6.81 -19.65
N GLN A 213 6.86 8.07 -19.28
CA GLN A 213 7.93 8.86 -18.71
C GLN A 213 8.38 8.26 -17.40
N PHE A 214 7.41 7.87 -16.57
CA PHE A 214 7.69 7.19 -15.33
C PHE A 214 8.56 5.96 -15.57
N CYS A 215 8.15 5.12 -16.51
CA CYS A 215 8.94 3.94 -16.81
C CYS A 215 10.32 4.33 -17.31
N ASP A 216 10.39 5.32 -18.21
CA ASP A 216 11.68 5.78 -18.69
C ASP A 216 12.57 6.21 -17.54
N ASP A 217 11.99 6.97 -16.60
CA ASP A 217 12.77 7.49 -15.48
C ASP A 217 13.25 6.36 -14.61
N LEU A 218 12.48 5.27 -14.52
CA LEU A 218 12.87 4.07 -13.81
C LEU A 218 13.66 3.08 -14.67
N ALA A 219 13.97 3.45 -15.90
CA ALA A 219 14.75 2.58 -16.79
C ALA A 219 14.08 1.22 -16.91
N LEU A 220 12.77 1.24 -17.02
CA LEU A 220 12.00 0.01 -17.12
C LEU A 220 11.35 -0.06 -18.48
N ASP A 221 11.45 -1.23 -19.10
CA ASP A 221 10.69 -1.49 -20.31
C ASP A 221 9.21 -1.43 -19.95
N PRO A 222 8.42 -0.62 -20.65
CA PRO A 222 7.00 -0.51 -20.28
C PRO A 222 6.23 -1.82 -20.36
N ALA A 223 6.73 -2.81 -21.10
CA ALA A 223 6.04 -4.10 -21.19
C ALA A 223 6.55 -5.11 -20.16
N SER A 224 7.41 -4.67 -19.24
CA SER A 224 8.02 -5.55 -18.25
C SER A 224 7.05 -5.81 -17.10
N ILE A 225 7.21 -6.97 -16.47
CA ILE A 225 6.39 -7.29 -15.31
C ILE A 225 6.68 -6.31 -14.19
N SER A 226 7.89 -5.75 -14.16
CA SER A 226 8.20 -4.80 -13.10
C SER A 226 7.23 -3.66 -13.08
N VAL A 227 6.75 -3.22 -14.24
CA VAL A 227 5.82 -2.11 -14.27
C VAL A 227 4.49 -2.52 -13.63
N LEU A 228 4.04 -3.73 -13.94
CA LEU A 228 2.82 -4.23 -13.31
C LEU A 228 3.03 -4.44 -11.82
N ILE A 229 4.22 -4.85 -11.44
CA ILE A 229 4.50 -4.98 -10.01
C ILE A 229 4.36 -3.63 -9.33
N ILE A 230 4.86 -2.57 -9.97
CA ILE A 230 4.71 -1.25 -9.39
C ILE A 230 3.24 -0.90 -9.28
N ALA A 231 2.47 -1.15 -10.35
CA ALA A 231 1.05 -0.85 -10.29
C ALA A 231 0.40 -1.59 -9.14
N TRP A 232 0.81 -2.83 -8.92
CA TRP A 232 0.27 -3.61 -7.82
C TRP A 232 0.60 -2.96 -6.49
N LYS A 233 1.85 -2.53 -6.32
CA LYS A 233 2.19 -1.90 -5.04
C LYS A 233 1.48 -0.58 -4.88
N PHE A 234 1.20 0.09 -5.97
CA PHE A 234 0.45 1.32 -5.93
C PHE A 234 -1.05 1.08 -5.87
N ARG A 235 -1.46 -0.18 -5.82
CA ARG A 235 -2.88 -0.55 -5.80
C ARG A 235 -3.62 0.15 -6.94
N ALA A 236 -2.97 0.24 -8.10
CA ALA A 236 -3.57 0.93 -9.22
C ALA A 236 -4.87 0.24 -9.62
N ALA A 237 -5.87 1.06 -9.89
CA ALA A 237 -7.18 0.51 -10.18
C ALA A 237 -7.27 -0.04 -11.59
N THR A 238 -6.56 0.56 -12.55
CA THR A 238 -6.80 0.18 -13.94
C THR A 238 -5.55 0.44 -14.76
N GLN A 239 -5.28 -0.42 -15.73
CA GLN A 239 -4.09 -0.22 -16.53
C GLN A 239 -4.23 1.08 -17.33
N CYS A 240 -3.09 1.68 -17.63
CA CYS A 240 -2.94 2.86 -18.48
C CYS A 240 -3.38 4.12 -17.77
N GLU A 241 -3.85 4.02 -16.53
CA GLU A 241 -4.09 5.18 -15.69
C GLU A 241 -3.30 5.00 -14.40
N PHE A 242 -2.86 6.10 -13.85
CA PHE A 242 -2.23 6.08 -12.55
C PHE A 242 -2.81 7.31 -11.86
N SER A 243 -3.75 7.13 -10.94
CA SER A 243 -4.42 8.32 -10.41
C SER A 243 -3.50 9.05 -9.45
N LYS A 244 -3.80 10.31 -9.24
CA LYS A 244 -3.01 11.11 -8.31
C LYS A 244 -3.00 10.46 -6.94
N GLN A 245 -4.15 9.98 -6.51
CA GLN A 245 -4.26 9.31 -5.22
C GLN A 245 -3.38 8.09 -5.18
N GLU A 246 -3.39 7.30 -6.27
CA GLU A 246 -2.58 6.10 -6.31
C GLU A 246 -1.11 6.44 -6.24
N PHE A 247 -0.71 7.42 -7.03
CA PHE A 247 0.68 7.84 -7.04
C PHE A 247 1.11 8.30 -5.65
N MET A 248 0.36 9.20 -5.06
CA MET A 248 0.75 9.73 -3.76
C MET A 248 0.70 8.66 -2.71
N ASP A 249 -0.37 7.87 -2.70
CA ASP A 249 -0.48 6.82 -1.70
C ASP A 249 0.65 5.83 -1.83
N GLY A 250 0.99 5.49 -3.07
CA GLY A 250 2.03 4.51 -3.29
C GLY A 250 3.40 5.01 -2.92
N MET A 251 3.71 6.25 -3.29
CA MET A 251 4.99 6.79 -2.90
C MET A 251 5.10 6.87 -1.39
N THR A 252 4.00 7.19 -0.72
CA THR A 252 3.97 7.24 0.73
C THR A 252 4.21 5.86 1.31
N GLU A 253 3.49 4.88 0.81
CA GLU A 253 3.57 3.56 1.40
C GLU A 253 4.93 2.94 1.11
N LEU A 254 5.54 3.28 -0.02
CA LEU A 254 6.86 2.78 -0.33
C LEU A 254 7.96 3.59 0.32
N GLY A 255 7.63 4.67 1.00
CA GLY A 255 8.67 5.48 1.61
C GLY A 255 9.54 6.20 0.62
N CYS A 256 9.00 6.59 -0.53
CA CYS A 256 9.82 7.18 -1.58
C CYS A 256 9.34 8.60 -1.87
N ASP A 257 10.27 9.54 -1.97
CA ASP A 257 9.91 10.86 -2.43
C ASP A 257 10.70 11.22 -3.67
N SER A 258 11.30 10.23 -4.28
CA SER A 258 12.08 10.47 -5.47
C SER A 258 12.06 9.24 -6.35
N ILE A 259 12.35 9.47 -7.62
CA ILE A 259 12.46 8.36 -8.54
C ILE A 259 13.62 7.45 -8.15
N GLU A 260 14.75 8.02 -7.71
CA GLU A 260 15.87 7.20 -7.29
C GLU A 260 15.46 6.28 -6.18
N LYS A 261 14.65 6.78 -5.24
CA LYS A 261 14.26 5.93 -4.13
C LYS A 261 13.30 4.87 -4.60
N LEU A 262 12.38 5.24 -5.50
CA LEU A 262 11.47 4.25 -6.01
C LEU A 262 12.22 3.20 -6.80
N LYS A 263 13.20 3.63 -7.60
CA LYS A 263 14.01 2.66 -8.33
C LYS A 263 14.65 1.66 -7.37
N ALA A 264 15.10 2.15 -6.21
CA ALA A 264 15.78 1.23 -5.32
C ALA A 264 14.79 0.28 -4.67
N GLN A 265 13.51 0.65 -4.67
CA GLN A 265 12.44 -0.15 -4.07
C GLN A 265 11.97 -1.27 -4.98
N ILE A 266 12.18 -1.16 -6.29
CA ILE A 266 11.60 -2.15 -7.19
C ILE A 266 12.12 -3.55 -6.86
N PRO A 267 13.40 -3.76 -6.63
CA PRO A 267 13.82 -5.15 -6.35
C PRO A 267 13.18 -5.66 -5.11
N LYS A 268 12.89 -4.78 -4.16
CA LYS A 268 12.26 -5.22 -2.94
C LYS A 268 10.83 -5.64 -3.22
N MET A 269 10.15 -4.95 -4.13
CA MET A 269 8.81 -5.38 -4.51
C MET A 269 8.89 -6.70 -5.25
N GLU A 270 9.90 -6.86 -6.10
CA GLU A 270 10.03 -8.11 -6.81
C GLU A 270 10.27 -9.24 -5.83
N GLN A 271 11.07 -8.97 -4.80
CA GLN A 271 11.40 -10.01 -3.83
C GLN A 271 10.15 -10.43 -3.06
N GLU A 272 9.23 -9.49 -2.86
CA GLU A 272 8.00 -9.81 -2.15
C GLU A 272 7.22 -10.89 -2.89
N LEU A 273 7.38 -10.97 -4.22
CA LEU A 273 6.60 -11.92 -5.01
C LEU A 273 7.10 -13.35 -4.92
N LYS A 274 8.32 -13.58 -4.46
CA LYS A 274 8.76 -14.94 -4.26
C LYS A 274 7.90 -15.67 -3.23
N GLU A 275 7.09 -14.95 -2.47
CA GLU A 275 6.14 -15.58 -1.56
C GLU A 275 4.88 -15.94 -2.34
N PRO A 276 4.49 -17.21 -2.39
CA PRO A 276 3.28 -17.54 -3.14
C PRO A 276 2.06 -16.75 -2.67
N GLY A 277 1.97 -16.41 -1.38
CA GLY A 277 0.81 -15.65 -0.92
C GLY A 277 0.80 -14.26 -1.49
N ARG A 278 1.97 -13.65 -1.55
CA ARG A 278 2.09 -12.36 -2.18
C ARG A 278 1.93 -12.48 -3.69
N PHE A 279 2.49 -13.52 -4.30
CA PHE A 279 2.29 -13.70 -5.73
C PHE A 279 0.82 -13.91 -6.02
N LYS A 280 0.12 -14.68 -5.19
CA LYS A 280 -1.32 -14.83 -5.39
C LYS A 280 -2.02 -13.49 -5.31
N ASP A 281 -1.62 -12.64 -4.36
CA ASP A 281 -2.25 -11.33 -4.27
C ASP A 281 -2.01 -10.53 -5.53
N PHE A 282 -0.77 -10.55 -6.02
CA PHE A 282 -0.40 -9.87 -7.24
C PHE A 282 -1.17 -10.43 -8.42
N TYR A 283 -1.21 -11.75 -8.49
CA TYR A 283 -1.90 -12.40 -9.56
C TYR A 283 -3.36 -12.01 -9.57
N GLN A 284 -4.00 -12.01 -8.41
CA GLN A 284 -5.41 -11.68 -8.39
C GLN A 284 -5.62 -10.21 -8.67
N PHE A 285 -4.71 -9.36 -8.20
CA PHE A 285 -4.76 -7.94 -8.49
C PHE A 285 -4.82 -7.71 -9.98
N THR A 286 -4.06 -8.49 -10.73
CA THR A 286 -3.91 -8.27 -12.16
C THR A 286 -5.25 -8.31 -12.85
N PHE A 287 -6.14 -9.17 -12.39
CA PHE A 287 -7.44 -9.30 -13.05
C PHE A 287 -8.20 -7.98 -13.04
N ASN A 288 -8.40 -7.41 -11.87
CA ASN A 288 -9.16 -6.17 -11.82
C ASN A 288 -8.42 -5.05 -12.50
N PHE A 289 -7.12 -5.09 -12.41
CA PHE A 289 -6.31 -4.04 -13.00
C PHE A 289 -6.45 -4.05 -14.52
N ALA A 290 -6.46 -5.25 -15.10
CA ALA A 290 -6.45 -5.37 -16.56
C ALA A 290 -7.81 -5.17 -17.15
N LYS A 291 -8.84 -5.52 -16.38
CA LYS A 291 -10.21 -5.49 -16.85
C LYS A 291 -10.65 -4.06 -17.10
N ASN A 292 -11.44 -3.88 -18.15
CA ASN A 292 -12.10 -2.61 -18.36
C ASN A 292 -12.99 -2.29 -17.16
N PRO A 293 -12.87 -1.10 -16.57
CA PRO A 293 -13.75 -0.78 -15.44
C PRO A 293 -15.22 -0.98 -15.75
N GLY A 294 -15.65 -0.64 -16.97
CA GLY A 294 -17.03 -0.81 -17.34
C GLY A 294 -17.47 -2.25 -17.51
N GLN A 295 -16.54 -3.20 -17.57
CA GLN A 295 -16.88 -4.60 -17.81
C GLN A 295 -16.79 -5.38 -16.52
N LYS A 296 -17.57 -6.45 -16.44
CA LYS A 296 -17.53 -7.33 -15.28
C LYS A 296 -16.46 -8.41 -15.39
N GLY A 297 -16.15 -8.84 -16.61
CA GLY A 297 -15.11 -9.82 -16.87
C GLY A 297 -14.00 -9.26 -17.74
N LEU A 298 -12.99 -10.10 -17.94
CA LEU A 298 -11.79 -9.72 -18.65
C LEU A 298 -11.85 -10.30 -20.05
N ASP A 299 -11.71 -9.43 -21.05
CA ASP A 299 -11.59 -9.91 -22.42
C ASP A 299 -10.53 -10.98 -22.54
N LEU A 300 -10.88 -12.08 -23.19
CA LEU A 300 -9.94 -13.18 -23.33
C LEU A 300 -8.60 -12.71 -23.88
N GLU A 301 -8.60 -11.85 -24.88
CA GLU A 301 -7.32 -11.42 -25.44
C GLU A 301 -6.47 -10.70 -24.39
N MET A 302 -7.12 -9.87 -23.58
CA MET A 302 -6.38 -9.17 -22.54
C MET A 302 -5.93 -10.14 -21.47
N ALA A 303 -6.79 -11.11 -21.15
CA ALA A 303 -6.43 -12.10 -20.17
C ALA A 303 -5.21 -12.88 -20.63
N ILE A 304 -5.19 -13.27 -21.91
CA ILE A 304 -4.05 -14.00 -22.44
C ILE A 304 -2.79 -13.17 -22.29
N ALA A 305 -2.86 -11.90 -22.66
CA ALA A 305 -1.69 -11.03 -22.56
C ALA A 305 -1.16 -10.97 -21.14
N TYR A 306 -2.05 -10.77 -20.18
CA TYR A 306 -1.60 -10.64 -18.80
C TYR A 306 -1.19 -12.00 -18.24
N TRP A 307 -1.89 -13.08 -18.62
CA TRP A 307 -1.44 -14.39 -18.22
C TRP A 307 -0.01 -14.64 -18.69
N ASN A 308 0.31 -14.27 -19.91
CA ASN A 308 1.64 -14.54 -20.41
C ASN A 308 2.67 -13.70 -19.68
N LEU A 309 2.27 -12.51 -19.26
CA LEU A 309 3.19 -11.68 -18.51
C LEU A 309 3.45 -12.27 -17.15
N VAL A 310 2.38 -12.65 -16.46
CA VAL A 310 2.51 -12.96 -15.04
C VAL A 310 2.72 -14.43 -14.80
N LEU A 311 2.33 -15.30 -15.73
CA LEU A 311 2.51 -16.72 -15.47
C LEU A 311 3.63 -17.35 -16.25
N ASN A 312 4.31 -16.63 -17.14
CA ASN A 312 5.39 -17.28 -17.85
C ASN A 312 6.49 -17.70 -16.88
N GLY A 313 6.89 -18.96 -16.94
CA GLY A 313 7.87 -19.45 -16.01
C GLY A 313 7.29 -19.99 -14.74
N ARG A 314 6.00 -19.76 -14.53
CA ARG A 314 5.34 -20.26 -13.32
C ARG A 314 4.31 -21.32 -13.63
N PHE A 315 3.61 -21.18 -14.73
CA PHE A 315 2.54 -22.10 -15.09
C PHE A 315 3.13 -23.01 -16.15
N LYS A 316 3.32 -24.27 -15.80
CA LYS A 316 4.05 -25.18 -16.68
C LYS A 316 3.31 -25.50 -17.97
N PHE A 317 2.00 -25.24 -18.04
CA PHE A 317 1.24 -25.48 -19.25
C PHE A 317 0.85 -24.20 -19.94
N LEU A 318 1.55 -23.11 -19.66
CA LEU A 318 1.18 -21.84 -20.26
C LEU A 318 1.17 -21.92 -21.77
N ASP A 319 2.13 -22.58 -22.38
CA ASP A 319 2.12 -22.62 -23.83
C ASP A 319 0.87 -23.36 -24.34
N LEU A 320 0.54 -24.49 -23.73
CA LEU A 320 -0.69 -25.22 -24.13
C LEU A 320 -1.93 -24.40 -23.82
N TRP A 321 -1.90 -23.66 -22.72
CA TRP A 321 -3.01 -22.79 -22.39
C TRP A 321 -3.23 -21.77 -23.49
N ASN A 322 -2.17 -21.18 -24.00
CA ASN A 322 -2.32 -20.24 -25.09
C ASN A 322 -2.92 -20.91 -26.30
N LYS A 323 -2.41 -22.08 -26.65
CA LYS A 323 -2.92 -22.77 -27.81
C LYS A 323 -4.40 -23.06 -27.63
N PHE A 324 -4.76 -23.55 -26.44
CA PHE A 324 -6.14 -23.85 -26.11
C PHE A 324 -7.01 -22.62 -26.29
N LEU A 325 -6.57 -21.50 -25.74
CA LEU A 325 -7.40 -20.31 -25.74
C LEU A 325 -7.46 -19.68 -27.10
N LEU A 326 -6.41 -19.80 -27.89
CA LEU A 326 -6.45 -19.14 -29.18
C LEU A 326 -7.42 -19.86 -30.10
N GLU A 327 -7.74 -21.12 -29.81
CA GLU A 327 -8.78 -21.87 -30.50
C GLU A 327 -10.16 -21.57 -29.97
N HIS A 328 -10.25 -21.04 -28.75
CA HIS A 328 -11.52 -20.69 -28.14
C HIS A 328 -12.11 -19.47 -28.82
N HIS A 329 -13.41 -19.28 -28.69
CA HIS A 329 -13.96 -18.00 -29.14
C HIS A 329 -14.78 -17.35 -28.05
N SER A 332 -14.53 -13.57 -22.86
CA SER A 332 -14.52 -13.04 -21.49
C SER A 332 -14.15 -14.07 -20.41
N ILE A 333 -13.44 -13.60 -19.39
CA ILE A 333 -12.93 -14.42 -18.30
C ILE A 333 -13.46 -13.82 -17.00
N PRO A 334 -14.22 -14.55 -16.22
CA PRO A 334 -14.69 -14.04 -14.94
C PRO A 334 -13.58 -14.10 -13.92
N LYS A 335 -13.72 -13.30 -12.88
CA LYS A 335 -12.69 -13.26 -11.84
C LYS A 335 -12.41 -14.64 -11.27
N ASP A 336 -13.47 -15.44 -11.05
CA ASP A 336 -13.23 -16.72 -10.41
C ASP A 336 -12.38 -17.63 -11.29
N THR A 337 -12.59 -17.56 -12.59
CA THR A 337 -11.80 -18.41 -13.47
C THR A 337 -10.36 -17.95 -13.50
N TRP A 338 -10.16 -16.65 -13.59
CA TRP A 338 -8.82 -16.12 -13.45
C TRP A 338 -8.17 -16.63 -12.18
N ASN A 339 -8.85 -16.48 -11.04
CA ASN A 339 -8.22 -16.85 -9.79
C ASN A 339 -7.88 -18.33 -9.76
N LEU A 340 -8.80 -19.16 -10.27
CA LEU A 340 -8.63 -20.58 -10.10
C LEU A 340 -7.56 -21.12 -10.99
N LEU A 341 -7.21 -20.41 -12.05
CA LEU A 341 -6.12 -20.87 -12.89
C LEU A 341 -4.84 -20.95 -12.08
N LEU A 342 -4.61 -20.01 -11.14
CA LEU A 342 -3.42 -20.12 -10.32
C LEU A 342 -3.51 -21.35 -9.43
N ASP A 343 -4.68 -21.61 -8.85
CA ASP A 343 -4.84 -22.81 -8.05
C ASP A 343 -4.60 -24.06 -8.88
N PHE A 344 -5.09 -24.06 -10.10
CA PHE A 344 -4.83 -25.16 -11.02
C PHE A 344 -3.36 -25.30 -11.26
N SER A 345 -2.70 -24.20 -11.58
CA SER A 345 -1.28 -24.24 -11.83
C SER A 345 -0.53 -24.84 -10.66
N THR A 346 -0.97 -24.53 -9.45
CA THR A 346 -0.23 -24.95 -8.27
C THR A 346 -0.38 -26.43 -8.01
N MET A 347 -1.56 -26.99 -8.27
CA MET A 347 -1.79 -28.36 -7.87
C MET A 347 -1.50 -29.35 -8.97
N ILE A 348 -1.48 -28.92 -10.23
CA ILE A 348 -1.58 -29.86 -11.34
C ILE A 348 -0.24 -30.59 -11.55
N ALA A 349 -0.33 -31.89 -11.71
CA ALA A 349 0.82 -32.72 -11.98
C ALA A 349 1.40 -32.38 -13.35
N ASP A 350 2.66 -32.74 -13.52
CA ASP A 350 3.34 -32.44 -14.77
C ASP A 350 2.63 -33.08 -15.98
N ASP A 351 1.88 -34.16 -15.77
CA ASP A 351 1.15 -34.77 -16.87
C ASP A 351 -0.35 -34.69 -16.69
N MET A 352 -0.81 -33.83 -15.76
CA MET A 352 -2.22 -33.60 -15.45
C MET A 352 -2.93 -34.82 -14.91
N SER A 353 -2.17 -35.84 -14.51
CA SER A 353 -2.80 -37.09 -14.10
C SER A 353 -3.61 -36.95 -12.83
N ASN A 354 -3.37 -35.92 -12.02
CA ASN A 354 -4.06 -35.73 -10.76
C ASN A 354 -5.19 -34.72 -10.84
N TYR A 355 -5.68 -34.43 -12.02
CA TYR A 355 -6.78 -33.47 -12.08
C TYR A 355 -8.03 -34.13 -11.51
N ASP A 356 -8.73 -33.40 -10.64
CA ASP A 356 -10.00 -33.83 -10.09
C ASP A 356 -11.12 -33.15 -10.87
N GLU A 357 -11.74 -33.90 -11.79
CA GLU A 357 -12.86 -33.34 -12.54
C GLU A 357 -14.02 -32.90 -11.67
N GLU A 358 -14.14 -33.44 -10.45
CA GLU A 358 -15.25 -33.07 -9.58
C GLU A 358 -14.88 -31.94 -8.65
N GLY A 359 -13.75 -31.27 -8.92
CA GLY A 359 -13.23 -30.21 -8.08
C GLY A 359 -13.86 -28.84 -8.29
N ALA A 360 -14.86 -28.75 -9.16
CA ALA A 360 -15.57 -27.52 -9.39
C ALA A 360 -14.63 -26.45 -9.94
N TRP A 361 -13.68 -26.90 -10.73
CA TRP A 361 -12.91 -26.00 -11.55
C TRP A 361 -13.80 -25.35 -12.59
N PRO A 362 -13.40 -24.21 -13.11
CA PRO A 362 -14.17 -23.65 -14.22
C PRO A 362 -14.25 -24.64 -15.35
N VAL A 363 -15.35 -24.58 -16.10
CA VAL A 363 -15.47 -25.40 -17.29
C VAL A 363 -14.29 -25.15 -18.20
N LEU A 364 -13.81 -23.92 -18.23
CA LEU A 364 -12.67 -23.59 -19.08
C LEU A 364 -11.48 -24.47 -18.74
N ILE A 365 -11.24 -24.70 -17.45
CA ILE A 365 -10.12 -25.55 -17.07
C ILE A 365 -10.44 -27.02 -17.28
N ASP A 366 -11.68 -27.43 -17.01
CA ASP A 366 -12.03 -28.80 -17.39
C ASP A 366 -11.71 -29.04 -18.85
N ASP A 367 -12.16 -28.12 -19.70
CA ASP A 367 -11.97 -28.27 -21.13
C ASP A 367 -10.50 -28.28 -21.48
N PHE A 368 -9.73 -27.45 -20.79
CA PHE A 368 -8.29 -27.40 -21.04
C PHE A 368 -7.65 -28.74 -20.75
N VAL A 369 -8.04 -29.36 -19.65
CA VAL A 369 -7.43 -30.63 -19.30
C VAL A 369 -7.76 -31.67 -20.37
N GLU A 370 -8.97 -31.62 -20.88
CA GLU A 370 -9.34 -32.49 -22.00
C GLU A 370 -8.53 -32.15 -23.25
N PHE A 371 -8.33 -30.86 -23.51
CA PHE A 371 -7.61 -30.40 -24.68
C PHE A 371 -6.14 -30.79 -24.61
N ALA A 372 -5.56 -30.76 -23.43
CA ALA A 372 -4.14 -31.02 -23.34
C ALA A 372 -3.84 -32.49 -23.61
N ARG A 373 -4.87 -33.33 -23.78
CA ARG A 373 -4.67 -34.77 -23.91
C ARG A 373 -3.78 -35.16 -25.09
N PRO A 374 -4.02 -34.70 -26.32
CA PRO A 374 -3.10 -35.06 -27.41
C PRO A 374 -1.67 -34.66 -27.10
N GLN A 375 -1.44 -33.42 -26.63
CA GLN A 375 -0.08 -33.01 -26.33
C GLN A 375 0.53 -33.90 -25.26
N ILE A 376 -0.21 -34.13 -24.18
CA ILE A 376 0.32 -34.94 -23.10
C ILE A 376 0.64 -36.34 -23.61
N ALA A 377 -0.22 -36.90 -24.46
CA ALA A 377 0.02 -38.23 -25.02
C ALA A 377 1.23 -38.24 -25.95
N GLY A 378 1.35 -37.21 -26.80
CA GLY A 378 2.50 -37.13 -27.67
C GLY A 378 3.80 -37.07 -26.90
N THR A 379 3.83 -36.27 -25.82
CA THR A 379 5.05 -36.16 -25.03
C THR A 379 5.46 -37.50 -24.44
N LYS A 380 4.50 -38.26 -23.91
CA LYS A 380 4.82 -39.58 -23.38
C LYS A 380 5.31 -40.53 -24.46
N SER A 381 4.88 -40.30 -25.69
CA SER A 381 5.24 -41.14 -26.84
C SER A 381 6.71 -41.00 -27.17
C4 O0A B . 0.76 1.21 -19.64
C14 O0A B . 0.87 2.55 -12.52
C5 O0A B . 1.17 0.00 -19.13
C6 O0A B . 2.52 -0.29 -19.02
C11 O0A B . 0.15 1.19 -14.85
C7 O0A B . 3.46 0.64 -19.40
C8 O0A B . 0.12 -1.02 -18.74
C9 O0A B . 0.34 -1.66 -17.37
C10 O0A B . -0.21 0.39 -16.09
C12 O0A B . -0.84 1.78 -14.07
C13 O0A B . -0.46 2.46 -12.92
N1 O0A B . 0.62 -0.76 -16.26
N2 O0A B . 1.44 -3.66 -18.39
C3 O0A B . 1.70 2.14 -20.04
N3 O0A B . -0.23 -3.45 -21.61
C1 O0A B . 4.09 2.92 -20.34
C15 O0A B . 1.85 1.92 -13.30
C16 O0A B . 3.33 1.98 -12.91
C17 O0A B . 1.47 1.23 -14.45
C18 O0A B . 1.02 -3.01 -17.18
C19 O0A B . 0.71 -3.39 -19.63
C2 O0A B . 3.05 1.87 -19.90
C20 O0A B . 0.05 -2.12 -19.85
C21 O0A B . -0.54 -2.22 -21.13
C22 O0A B . -1.36 -1.14 -21.82
C23 O0A B . 1.02 -5.47 -20.89
C24 O0A B . 2.40 -5.65 -21.01
C25 O0A B . 2.90 -6.92 -21.19
C26 O0A B . 2.03 -7.99 -21.25
C27 O0A B . 0.65 -7.80 -21.12
C28 O0A B . 0.14 -6.54 -20.95
N4 O0A B . 0.51 -4.13 -20.71
O1 O0A B . -1.12 0.64 -16.82
O2 O0A B . 2.12 -2.91 -16.29
#